data_3BXN
#
_entry.id   3BXN
#
_cell.length_a   50.791
_cell.length_b   82.144
_cell.length_c   110.734
_cell.angle_alpha   90.00
_cell.angle_beta   90.00
_cell.angle_gamma   90.00
#
_symmetry.space_group_name_H-M   'P 21 21 21'
#
loop_
_entity.id
_entity.type
_entity.pdbx_description
1 polymer 'HLA-B*1402 extracellular domain'
2 polymer beta-2-microglobulin
3 polymer 'Cathepsin A signal sequence octapeptide'
4 non-polymer GLYCEROL
5 water water
#
loop_
_entity_poly.entity_id
_entity_poly.type
_entity_poly.pdbx_seq_one_letter_code
_entity_poly.pdbx_strand_id
1 'polypeptide(L)'
;MGSHSMRYFYTAVSRPGRGEPRFISVGYVDDTQFVRFDSDAASPREEPRAPWIEQEGPEYWDRNTQICKTNTQTDRESLR
NLRGYYNQSEAGSHTLQWMYGCDVGPDGRLLRGYNQFAYDGKDYIALNEDLSSWTAADTAAQITQRKWEAAREAEQLRAY
LEGTCVEWLRRHLENGKETLQRADPPKTHVTHHPISDHEATLRCWALGFYPAEITLTWQRDGEDQTQDTELVETRPAGDR
TFQKWAAVVVPSGEEQRYTCHVQHEGLPKPLTLRWEPS
;
A
2 'polypeptide(L)'
;MIQRTPKIQVYSRHPAENGKSNFLNCYVSGFHPSDIEVDLLKNGERIEKVEHSDLSFSKDWSFYLLYYTEFTPTEKDEYA
CRVNHVTLSQPKIVKWDRDM
;
B
3 'polypeptide(L)' IRAAPPPLF C
#
loop_
_chem_comp.id
_chem_comp.type
_chem_comp.name
_chem_comp.formula
GOL non-polymer GLYCEROL 'C3 H8 O3'
#
# COMPACT_ATOMS: atom_id res chain seq x y z
N GLY A 2 7.60 -7.85 -18.24
CA GLY A 2 6.92 -8.73 -17.24
C GLY A 2 5.40 -8.56 -17.27
N SER A 3 4.76 -8.98 -16.20
CA SER A 3 3.30 -8.81 -16.08
C SER A 3 3.05 -7.48 -15.40
N HIS A 4 1.86 -6.93 -15.59
CA HIS A 4 1.57 -5.63 -15.03
C HIS A 4 0.12 -5.58 -14.56
N SER A 5 -0.19 -4.56 -13.77
CA SER A 5 -1.54 -4.36 -13.24
C SER A 5 -1.90 -2.88 -13.22
N MET A 6 -3.18 -2.56 -13.40
CA MET A 6 -3.72 -1.25 -13.06
C MET A 6 -4.79 -1.47 -12.00
N ARG A 7 -4.72 -0.72 -10.92
CA ARG A 7 -5.66 -0.88 -9.80
C ARG A 7 -6.09 0.50 -9.32
N TYR A 8 -7.39 0.66 -9.06
CA TYR A 8 -7.89 1.85 -8.35
C TYR A 8 -8.40 1.44 -6.97
N PHE A 9 -8.10 2.28 -5.96
CA PHE A 9 -8.46 2.03 -4.57
C PHE A 9 -9.34 3.20 -4.08
N TYR A 10 -10.47 2.88 -3.46
CA TYR A 10 -11.41 3.90 -2.97
C TYR A 10 -11.69 3.67 -1.51
N THR A 11 -11.62 4.73 -0.71
CA THR A 11 -11.96 4.70 0.70
C THR A 11 -12.97 5.81 1.01
N ALA A 12 -14.12 5.43 1.55
CA ALA A 12 -15.08 6.43 2.01
C ALA A 12 -15.32 6.21 3.49
N VAL A 13 -15.24 7.29 4.27
CA VAL A 13 -15.28 7.17 5.72
C VAL A 13 -16.28 8.17 6.31
N SER A 14 -17.32 7.66 6.95
CA SER A 14 -18.34 8.55 7.51
C SER A 14 -17.82 9.19 8.81
N ARG A 15 -18.36 10.36 9.15
CA ARG A 15 -17.88 11.06 10.35
C ARG A 15 -19.03 11.89 10.92
N PRO A 16 -20.03 11.21 11.51
CA PRO A 16 -21.27 11.89 11.87
C PRO A 16 -20.98 13.08 12.79
N GLY A 17 -21.64 14.20 12.52
CA GLY A 17 -21.42 15.45 13.30
C GLY A 17 -20.24 16.28 12.79
N ARG A 18 -19.52 15.76 11.80
CA ARG A 18 -18.30 16.42 11.27
C ARG A 18 -18.35 16.51 9.75
N GLY A 19 -19.54 16.72 9.22
CA GLY A 19 -19.71 16.86 7.79
C GLY A 19 -19.99 15.53 7.10
N GLU A 20 -19.84 15.53 5.77
CA GLU A 20 -20.18 14.37 4.96
C GLU A 20 -18.98 13.41 4.89
N PRO A 21 -19.23 12.12 4.57
CA PRO A 21 -18.13 11.15 4.50
C PRO A 21 -17.03 11.60 3.56
N ARG A 22 -15.78 11.52 4.03
CA ARG A 22 -14.64 11.80 3.19
C ARG A 22 -14.42 10.67 2.21
N PHE A 23 -14.19 11.03 0.94
CA PHE A 23 -13.95 10.12 -0.14
C PHE A 23 -12.53 10.39 -0.64
N ILE A 24 -11.67 9.40 -0.56
CA ILE A 24 -10.33 9.49 -1.14
C ILE A 24 -10.07 8.28 -2.03
N SER A 25 -9.54 8.51 -3.22
CA SER A 25 -9.26 7.42 -4.15
C SER A 25 -7.91 7.63 -4.82
N VAL A 26 -7.17 6.55 -5.02
CA VAL A 26 -5.89 6.62 -5.71
C VAL A 26 -5.82 5.55 -6.83
N GLY A 27 -4.98 5.79 -7.82
CA GLY A 27 -4.81 4.87 -8.97
C GLY A 27 -3.34 4.46 -8.99
N TYR A 28 -3.08 3.17 -9.21
CA TYR A 28 -1.72 2.60 -9.34
C TYR A 28 -1.55 1.84 -10.65
N VAL A 29 -0.35 1.95 -11.22
CA VAL A 29 0.10 0.94 -12.17
C VAL A 29 1.25 0.23 -11.47
N ASP A 30 1.12 -1.08 -11.33
CA ASP A 30 2.06 -1.85 -10.53
C ASP A 30 2.28 -1.16 -9.17
N ASP A 31 3.51 -0.85 -8.77
CA ASP A 31 3.72 -0.22 -7.45
C ASP A 31 3.95 1.28 -7.53
N THR A 32 3.48 1.86 -8.63
CA THR A 32 3.58 3.29 -8.87
C THR A 32 2.22 3.98 -8.84
N GLN A 33 2.03 4.89 -7.88
CA GLN A 33 0.77 5.63 -7.83
C GLN A 33 0.80 6.66 -8.95
N PHE A 34 -0.33 6.89 -9.61
CA PHE A 34 -0.36 7.88 -10.68
C PHE A 34 -1.45 8.97 -10.59
N VAL A 35 -2.53 8.73 -9.81
CA VAL A 35 -3.56 9.76 -9.61
C VAL A 35 -4.04 9.73 -8.17
N ARG A 36 -4.62 10.84 -7.72
CA ARG A 36 -5.42 10.85 -6.50
C ARG A 36 -6.63 11.77 -6.68
N PHE A 37 -7.64 11.50 -5.87
CA PHE A 37 -8.80 12.39 -5.73
C PHE A 37 -9.17 12.44 -4.24
N ASP A 38 -9.42 13.63 -3.72
CA ASP A 38 -9.79 13.77 -2.30
C ASP A 38 -10.93 14.80 -2.20
N SER A 39 -12.10 14.34 -1.72
CA SER A 39 -13.23 15.23 -1.50
C SER A 39 -12.96 16.32 -0.46
N ASP A 40 -11.95 16.16 0.40
CA ASP A 40 -11.59 17.22 1.36
C ASP A 40 -10.57 18.23 0.80
N ALA A 41 -10.16 18.06 -0.45
CA ALA A 41 -9.24 19.02 -1.07
C ALA A 41 -9.92 20.40 -1.27
N ALA A 42 -9.14 21.48 -1.22
CA ALA A 42 -9.68 22.81 -1.51
C ALA A 42 -10.54 22.77 -2.78
N SER A 43 -9.97 22.21 -3.85
CA SER A 43 -10.66 22.05 -5.12
C SER A 43 -10.59 20.57 -5.55
N PRO A 44 -11.59 19.75 -5.15
CA PRO A 44 -11.49 18.33 -5.50
C PRO A 44 -11.44 18.06 -7.01
N ARG A 45 -10.42 17.31 -7.44
CA ARG A 45 -10.26 16.96 -8.85
C ARG A 45 -9.30 15.77 -8.96
N GLU A 46 -9.39 15.03 -10.05
CA GLU A 46 -8.38 14.01 -10.33
C GLU A 46 -7.06 14.76 -10.52
N GLU A 47 -6.07 14.39 -9.71
CA GLU A 47 -4.74 15.00 -9.73
C GLU A 47 -3.61 14.06 -10.14
N PRO A 48 -2.66 14.54 -10.98
CA PRO A 48 -1.53 13.68 -11.36
C PRO A 48 -0.61 13.45 -10.16
N ARG A 49 -0.12 12.21 -10.02
CA ARG A 49 0.83 11.86 -8.98
C ARG A 49 2.07 11.13 -9.54
N ALA A 50 2.15 11.00 -10.88
CA ALA A 50 3.36 10.47 -11.56
C ALA A 50 3.65 11.36 -12.77
N PRO A 51 4.93 11.62 -13.10
CA PRO A 51 5.15 12.50 -14.26
C PRO A 51 4.52 12.08 -15.62
N TRP A 52 4.60 10.79 -15.96
CA TRP A 52 4.12 10.31 -17.26
C TRP A 52 2.63 10.48 -17.51
N ILE A 53 1.82 10.60 -16.45
CA ILE A 53 0.39 10.83 -16.67
C ILE A 53 0.04 12.29 -17.05
N GLU A 54 0.95 13.22 -16.80
CA GLU A 54 0.64 14.65 -16.99
C GLU A 54 0.36 15.03 -18.44
N GLN A 55 0.90 14.25 -19.38
CA GLN A 55 0.61 14.50 -20.81
C GLN A 55 -0.85 14.28 -21.23
N GLU A 56 -1.62 13.54 -20.44
CA GLU A 56 -3.02 13.33 -20.78
C GLU A 56 -3.76 14.66 -20.89
N GLY A 57 -4.64 14.75 -21.89
CA GLY A 57 -5.35 16.01 -22.18
C GLY A 57 -6.47 16.35 -21.19
N PRO A 58 -7.05 17.57 -21.31
CA PRO A 58 -8.12 18.04 -20.42
C PRO A 58 -9.27 17.06 -20.31
N GLU A 59 -9.59 16.38 -21.41
CA GLU A 59 -10.71 15.44 -21.45
C GLU A 59 -10.51 14.33 -20.40
N TYR A 60 -9.30 13.80 -20.32
CA TYR A 60 -8.94 12.78 -19.32
C TYR A 60 -9.21 13.30 -17.91
N TRP A 61 -8.69 14.48 -17.62
CA TRP A 61 -8.78 15.06 -16.29
C TRP A 61 -10.20 15.40 -15.89
N ASP A 62 -10.97 15.96 -16.83
CA ASP A 62 -12.34 16.32 -16.54
C ASP A 62 -13.25 15.10 -16.37
N ARG A 63 -13.07 14.08 -17.22
CA ARG A 63 -13.88 12.87 -17.18
CA ARG A 63 -13.93 12.91 -17.15
C ARG A 63 -13.69 12.16 -15.86
N ASN A 64 -12.43 12.00 -15.46
CA ASN A 64 -12.10 11.29 -14.21
C ASN A 64 -12.55 12.09 -13.00
N THR A 65 -12.42 13.42 -13.09
CA THR A 65 -12.98 14.29 -12.05
C THR A 65 -14.49 14.09 -11.89
N GLN A 66 -15.22 14.12 -13.00
CA GLN A 66 -16.67 13.93 -12.93
C GLN A 66 -17.02 12.57 -12.35
N ILE A 67 -16.29 11.54 -12.76
CA ILE A 67 -16.52 10.18 -12.24
C ILE A 67 -16.41 10.18 -10.71
N CYS A 68 -15.34 10.78 -10.19
CA CYS A 68 -15.05 10.79 -8.75
C CYS A 68 -16.06 11.60 -7.96
N LYS A 69 -16.53 12.70 -8.56
CA LYS A 69 -17.60 13.49 -7.93
C LYS A 69 -18.91 12.72 -7.79
N THR A 70 -19.29 12.00 -8.85
CA THR A 70 -20.47 11.13 -8.84
C THR A 70 -20.26 9.98 -7.84
N ASN A 71 -19.06 9.39 -7.84
CA ASN A 71 -18.76 8.31 -6.89
C ASN A 71 -18.80 8.76 -5.42
N THR A 72 -18.38 10.00 -5.16
CA THR A 72 -18.47 10.57 -3.81
C THR A 72 -19.91 10.49 -3.33
N GLN A 73 -20.83 10.89 -4.20
CA GLN A 73 -22.25 10.87 -3.86
C GLN A 73 -22.85 9.46 -3.73
N THR A 74 -22.51 8.58 -4.67
CA THR A 74 -22.97 7.18 -4.55
C THR A 74 -22.42 6.50 -3.28
N ASP A 75 -21.15 6.72 -2.93
CA ASP A 75 -20.57 6.09 -1.73
C ASP A 75 -21.28 6.57 -0.47
N ARG A 76 -21.58 7.86 -0.42
CA ARG A 76 -22.30 8.45 0.72
C ARG A 76 -23.71 7.87 0.88
N GLU A 77 -24.46 7.75 -0.21
CA GLU A 77 -25.77 7.13 -0.13
C GLU A 77 -25.68 5.62 0.21
N SER A 78 -24.72 4.94 -0.40
CA SER A 78 -24.54 3.51 -0.09
C SER A 78 -24.10 3.29 1.38
N LEU A 79 -23.27 4.18 1.94
CA LEU A 79 -22.96 4.12 3.38
C LEU A 79 -24.24 4.20 4.22
N ARG A 80 -25.22 5.03 3.80
CA ARG A 80 -26.50 5.08 4.54
C ARG A 80 -27.23 3.74 4.44
N ASN A 81 -27.25 3.17 3.24
CA ASN A 81 -27.85 1.82 3.03
C ASN A 81 -27.20 0.74 3.88
N LEU A 82 -25.87 0.79 3.93
CA LEU A 82 -25.08 -0.21 4.64
C LEU A 82 -25.34 -0.16 6.14
N ARG A 83 -25.43 1.04 6.69
CA ARG A 83 -25.75 1.21 8.11
C ARG A 83 -27.07 0.51 8.40
N GLY A 84 -28.08 0.73 7.55
CA GLY A 84 -29.38 0.04 7.73
C GLY A 84 -29.33 -1.48 7.61
N TYR A 85 -28.55 -1.97 6.64
CA TYR A 85 -28.33 -3.43 6.46
C TYR A 85 -27.79 -4.12 7.69
N TYR A 86 -27.09 -3.38 8.53
CA TYR A 86 -26.56 -3.95 9.76
C TYR A 86 -27.21 -3.45 11.04
N ASN A 87 -28.35 -2.78 10.88
CA ASN A 87 -29.12 -2.20 11.99
C ASN A 87 -28.29 -1.26 12.87
N GLN A 88 -27.41 -0.45 12.25
CA GLN A 88 -26.44 0.34 13.01
C GLN A 88 -27.00 1.74 13.26
N SER A 89 -26.58 2.38 14.35
CA SER A 89 -27.07 3.74 14.60
C SER A 89 -26.34 4.73 13.71
N GLU A 90 -26.90 5.93 13.61
CA GLU A 90 -26.33 6.97 12.78
C GLU A 90 -25.14 7.65 13.45
N ALA A 91 -24.83 7.25 14.69
CA ALA A 91 -23.84 7.93 15.53
C ALA A 91 -22.37 7.51 15.31
N GLY A 92 -22.15 6.32 14.80
CA GLY A 92 -20.76 5.83 14.65
C GLY A 92 -20.19 6.05 13.25
N SER A 93 -18.86 6.02 13.17
CA SER A 93 -18.14 6.13 11.90
C SER A 93 -17.96 4.74 11.25
N HIS A 94 -18.13 4.70 9.92
CA HIS A 94 -18.04 3.45 9.15
C HIS A 94 -17.24 3.66 7.88
N THR A 95 -16.71 2.57 7.33
CA THR A 95 -15.79 2.66 6.19
C THR A 95 -16.30 1.79 5.04
N LEU A 96 -16.28 2.33 3.83
CA LEU A 96 -16.54 1.52 2.63
C LEU A 96 -15.31 1.60 1.72
N GLN A 97 -14.77 0.44 1.36
CA GLN A 97 -13.60 0.39 0.48
C GLN A 97 -13.93 -0.36 -0.79
N TRP A 98 -13.33 0.07 -1.89
CA TRP A 98 -13.54 -0.50 -3.23
C TRP A 98 -12.16 -0.64 -3.88
N MET A 99 -11.92 -1.79 -4.49
CA MET A 99 -10.74 -1.96 -5.33
C MET A 99 -11.25 -2.62 -6.62
N TYR A 100 -10.74 -2.17 -7.77
CA TYR A 100 -10.94 -2.90 -9.03
C TYR A 100 -9.71 -2.72 -9.92
N GLY A 101 -9.60 -3.56 -10.93
CA GLY A 101 -8.49 -3.35 -11.87
C GLY A 101 -8.24 -4.58 -12.70
N CYS A 102 -7.15 -4.56 -13.42
CA CYS A 102 -6.85 -5.67 -14.33
C CYS A 102 -5.37 -6.04 -14.24
N ASP A 103 -5.08 -7.34 -14.37
CA ASP A 103 -3.72 -7.85 -14.53
C ASP A 103 -3.54 -8.29 -15.98
N VAL A 104 -2.40 -7.93 -16.58
CA VAL A 104 -2.06 -8.35 -17.95
C VAL A 104 -0.71 -9.08 -17.98
N GLY A 105 -0.52 -9.98 -18.96
CA GLY A 105 0.75 -10.69 -19.07
C GLY A 105 1.74 -9.86 -19.87
N PRO A 106 3.00 -10.38 -20.03
CA PRO A 106 4.00 -9.78 -20.93
C PRO A 106 3.44 -9.33 -22.29
N ASP A 107 2.48 -10.09 -22.81
CA ASP A 107 1.95 -9.84 -24.15
C ASP A 107 0.78 -8.87 -24.18
N GLY A 108 0.47 -8.23 -23.04
CA GLY A 108 -0.61 -7.25 -22.98
C GLY A 108 -2.02 -7.78 -22.83
N ARG A 109 -2.15 -9.10 -22.78
CA ARG A 109 -3.46 -9.74 -22.69
C ARG A 109 -3.93 -9.88 -21.26
N LEU A 110 -5.24 -9.76 -21.07
CA LEU A 110 -5.89 -9.95 -19.78
C LEU A 110 -5.58 -11.28 -19.13
N LEU A 111 -5.03 -11.22 -17.92
CA LEU A 111 -4.86 -12.42 -17.09
C LEU A 111 -6.11 -12.61 -16.22
N ARG A 112 -6.49 -11.55 -15.51
CA ARG A 112 -7.75 -11.53 -14.77
C ARG A 112 -8.13 -10.12 -14.35
N GLY A 113 -9.42 -9.93 -14.03
CA GLY A 113 -9.92 -8.67 -13.53
C GLY A 113 -10.41 -8.84 -12.10
N TYR A 114 -10.64 -7.72 -11.43
CA TYR A 114 -11.06 -7.70 -10.00
C TYR A 114 -12.03 -6.58 -9.81
N ASN A 115 -12.99 -6.77 -8.91
CA ASN A 115 -13.91 -5.70 -8.55
C ASN A 115 -14.55 -6.14 -7.24
N GLN A 116 -14.13 -5.53 -6.14
CA GLN A 116 -14.57 -6.03 -4.83
C GLN A 116 -14.60 -4.96 -3.76
N PHE A 117 -15.35 -5.23 -2.69
CA PHE A 117 -15.64 -4.19 -1.72
C PHE A 117 -15.55 -4.78 -0.34
N ALA A 118 -15.28 -3.89 0.61
CA ALA A 118 -15.28 -4.20 2.03
C ALA A 118 -16.01 -3.11 2.81
N TYR A 119 -16.67 -3.52 3.89
CA TYR A 119 -17.37 -2.59 4.77
C TYR A 119 -16.79 -2.80 6.16
N ASP A 120 -16.33 -1.70 6.74
CA ASP A 120 -15.65 -1.74 8.05
C ASP A 120 -14.53 -2.78 8.08
N GLY A 121 -13.77 -2.85 6.97
CA GLY A 121 -12.56 -3.67 6.89
C GLY A 121 -12.82 -5.15 6.62
N LYS A 122 -14.08 -5.51 6.42
CA LYS A 122 -14.45 -6.90 6.20
C LYS A 122 -14.98 -7.09 4.80
N ASP A 123 -14.56 -8.17 4.12
CA ASP A 123 -15.09 -8.46 2.77
C ASP A 123 -16.59 -8.42 2.73
N TYR A 124 -17.14 -7.73 1.74
CA TYR A 124 -18.58 -7.54 1.64
C TYR A 124 -19.11 -8.25 0.39
N ILE A 125 -18.67 -7.81 -0.77
CA ILE A 125 -19.12 -8.42 -2.03
C ILE A 125 -17.98 -8.34 -3.04
N ALA A 126 -17.85 -9.37 -3.87
CA ALA A 126 -16.76 -9.42 -4.86
C ALA A 126 -17.31 -9.96 -6.16
N LEU A 127 -16.91 -9.35 -7.27
CA LEU A 127 -17.15 -9.95 -8.58
C LEU A 127 -16.23 -11.19 -8.72
N ASN A 128 -16.76 -12.32 -9.17
CA ASN A 128 -15.96 -13.53 -9.31
C ASN A 128 -15.00 -13.43 -10.50
N GLU A 129 -14.06 -14.37 -10.60
CA GLU A 129 -13.03 -14.28 -11.64
C GLU A 129 -13.66 -14.39 -13.03
N ASP A 130 -14.82 -15.04 -13.09
CA ASP A 130 -15.61 -15.12 -14.33
C ASP A 130 -16.11 -13.77 -14.86
N LEU A 131 -16.00 -12.72 -14.04
CA LEU A 131 -16.52 -11.36 -14.38
C LEU A 131 -18.01 -11.40 -14.72
N SER A 132 -18.71 -12.35 -14.10
CA SER A 132 -20.09 -12.63 -14.49
C SER A 132 -21.02 -12.84 -13.29
N SER A 133 -20.46 -13.33 -12.19
CA SER A 133 -21.26 -13.71 -11.01
C SER A 133 -20.61 -13.08 -9.77
N TRP A 134 -21.34 -13.12 -8.66
CA TRP A 134 -20.94 -12.41 -7.45
C TRP A 134 -20.78 -13.35 -6.28
N THR A 135 -19.88 -13.03 -5.36
CA THR A 135 -19.83 -13.72 -4.09
C THR A 135 -20.10 -12.70 -2.98
N ALA A 136 -21.18 -12.92 -2.22
CA ALA A 136 -21.61 -12.06 -1.12
C ALA A 136 -21.18 -12.68 0.21
N ALA A 137 -20.59 -11.87 1.08
CA ALA A 137 -20.00 -12.42 2.32
C ALA A 137 -21.03 -12.75 3.39
N ASP A 138 -22.20 -12.12 3.31
CA ASP A 138 -23.18 -12.23 4.40
C ASP A 138 -24.57 -11.89 3.90
N THR A 139 -25.57 -11.95 4.76
CA THR A 139 -26.94 -11.72 4.29
C THR A 139 -27.19 -10.28 3.85
N ALA A 140 -26.40 -9.34 4.38
CA ALA A 140 -26.53 -7.93 4.00
C ALA A 140 -26.05 -7.80 2.53
N ALA A 141 -24.86 -8.35 2.25
CA ALA A 141 -24.30 -8.31 0.88
C ALA A 141 -25.19 -9.01 -0.15
N GLN A 142 -25.94 -10.01 0.31
CA GLN A 142 -26.89 -10.71 -0.55
C GLN A 142 -27.98 -9.74 -1.06
N ILE A 143 -28.34 -8.75 -0.24
CA ILE A 143 -29.30 -7.71 -0.66
C ILE A 143 -28.71 -6.91 -1.83
N THR A 144 -27.48 -6.43 -1.63
CA THR A 144 -26.75 -5.75 -2.70
C THR A 144 -26.61 -6.63 -3.95
N GLN A 145 -26.24 -7.91 -3.74
CA GLN A 145 -26.08 -8.84 -4.88
C GLN A 145 -27.36 -8.89 -5.74
N ARG A 146 -28.48 -9.12 -5.06
CA ARG A 146 -29.79 -9.18 -5.73
C ARG A 146 -30.06 -7.92 -6.56
N LYS A 147 -29.80 -6.73 -6.01
CA LYS A 147 -29.90 -5.47 -6.77
C LYS A 147 -28.98 -5.46 -8.00
N TRP A 148 -27.73 -5.83 -7.81
CA TRP A 148 -26.75 -5.74 -8.88
C TRP A 148 -27.01 -6.78 -9.95
N GLU A 149 -27.55 -7.93 -9.54
CA GLU A 149 -27.95 -8.96 -10.49
C GLU A 149 -29.14 -8.48 -11.31
N ALA A 150 -30.14 -7.92 -10.63
CA ALA A 150 -31.30 -7.35 -11.34
C ALA A 150 -30.87 -6.28 -12.34
N ALA A 151 -29.89 -5.47 -11.97
CA ALA A 151 -29.35 -4.43 -12.85
C ALA A 151 -28.34 -4.94 -13.88
N ARG A 152 -27.98 -6.21 -13.84
CA ARG A 152 -26.99 -6.74 -14.80
C ARG A 152 -25.68 -5.89 -14.74
N GLU A 153 -25.26 -5.54 -13.52
CA GLU A 153 -24.08 -4.74 -13.35
C GLU A 153 -22.78 -5.49 -13.72
N ALA A 154 -22.73 -6.80 -13.52
CA ALA A 154 -21.52 -7.58 -13.88
C ALA A 154 -21.15 -7.41 -15.35
N GLU A 155 -22.15 -7.30 -16.22
CA GLU A 155 -21.93 -7.15 -17.63
CA GLU A 155 -21.93 -7.14 -17.65
C GLU A 155 -21.20 -5.84 -18.01
N GLN A 156 -21.58 -4.74 -17.33
CA GLN A 156 -20.89 -3.45 -17.48
C GLN A 156 -19.44 -3.54 -16.99
N LEU A 157 -19.25 -4.13 -15.82
CA LEU A 157 -17.91 -4.39 -15.27
C LEU A 157 -17.02 -5.22 -16.17
N ARG A 158 -17.56 -6.33 -16.69
CA ARG A 158 -16.79 -7.15 -17.63
C ARG A 158 -16.31 -6.33 -18.82
N ALA A 159 -17.16 -5.48 -19.39
CA ALA A 159 -16.78 -4.68 -20.58
C ALA A 159 -15.65 -3.74 -20.23
N TYR A 160 -15.77 -3.10 -19.06
CA TYR A 160 -14.72 -2.21 -18.56
C TYR A 160 -13.39 -2.95 -18.33
N LEU A 161 -13.44 -4.09 -17.64
CA LEU A 161 -12.22 -4.77 -17.22
C LEU A 161 -11.46 -5.41 -18.40
N GLU A 162 -12.21 -5.89 -19.41
CA GLU A 162 -11.64 -6.58 -20.58
C GLU A 162 -11.20 -5.60 -21.64
N GLY A 163 -11.80 -4.43 -21.63
CA GLY A 163 -11.63 -3.46 -22.69
C GLY A 163 -10.88 -2.27 -22.17
N THR A 164 -11.63 -1.28 -21.70
CA THR A 164 -11.07 -0.02 -21.17
C THR A 164 -9.86 -0.19 -20.25
N CYS A 165 -9.98 -1.07 -19.25
CA CYS A 165 -8.89 -1.24 -18.27
C CYS A 165 -7.57 -1.67 -18.94
N VAL A 166 -7.63 -2.77 -19.68
CA VAL A 166 -6.48 -3.31 -20.38
C VAL A 166 -5.91 -2.27 -21.37
N GLU A 167 -6.79 -1.58 -22.08
CA GLU A 167 -6.37 -0.58 -23.10
C GLU A 167 -5.59 0.59 -22.48
N TRP A 168 -6.13 1.07 -21.36
CA TRP A 168 -5.47 2.17 -20.64
C TRP A 168 -4.19 1.73 -19.92
N LEU A 169 -4.18 0.54 -19.35
CA LEU A 169 -2.92 0.00 -18.80
C LEU A 169 -1.81 -0.04 -19.85
N ARG A 170 -2.14 -0.53 -21.04
CA ARG A 170 -1.18 -0.62 -22.12
C ARG A 170 -0.67 0.76 -22.49
N ARG A 171 -1.58 1.74 -22.53
CA ARG A 171 -1.20 3.15 -22.77
C ARG A 171 -0.26 3.71 -21.70
N HIS A 172 -0.65 3.55 -20.43
CA HIS A 172 0.20 3.97 -19.31
C HIS A 172 1.59 3.33 -19.38
N LEU A 173 1.66 2.04 -19.69
CA LEU A 173 2.96 1.35 -19.78
C LEU A 173 3.88 1.93 -20.84
N GLU A 174 3.30 2.36 -21.95
CA GLU A 174 4.08 3.00 -23.03
C GLU A 174 4.51 4.42 -22.63
N ASN A 175 3.56 5.24 -22.17
CA ASN A 175 3.94 6.57 -21.69
C ASN A 175 4.96 6.58 -20.55
N GLY A 176 4.86 5.60 -19.66
CA GLY A 176 5.77 5.54 -18.52
C GLY A 176 6.84 4.47 -18.69
N LYS A 177 7.15 4.13 -19.95
CA LYS A 177 8.06 2.99 -20.21
C LYS A 177 9.45 3.11 -19.58
N GLU A 178 9.94 4.32 -19.35
CA GLU A 178 11.27 4.50 -18.75
C GLU A 178 11.33 4.06 -17.27
N THR A 179 10.17 4.01 -16.61
CA THR A 179 10.11 3.74 -15.19
C THR A 179 9.27 2.48 -14.93
N LEU A 180 8.08 2.42 -15.50
CA LEU A 180 7.16 1.31 -15.27
C LEU A 180 7.70 0.02 -15.82
N GLN A 181 8.47 0.11 -16.92
CA GLN A 181 9.06 -1.08 -17.50
C GLN A 181 10.55 -1.22 -17.16
N ARG A 182 10.98 -0.59 -16.07
CA ARG A 182 12.34 -0.74 -15.59
C ARG A 182 12.28 -1.37 -14.20
N ALA A 183 12.90 -2.54 -14.03
CA ALA A 183 13.09 -3.13 -12.70
C ALA A 183 14.44 -2.67 -12.17
N ASP A 184 14.48 -2.19 -10.94
CA ASP A 184 15.73 -1.79 -10.29
C ASP A 184 16.08 -2.87 -9.30
N PRO A 185 17.25 -3.53 -9.48
CA PRO A 185 17.54 -4.67 -8.61
C PRO A 185 17.90 -4.23 -7.20
N PRO A 186 17.75 -5.13 -6.22
CA PRO A 186 18.15 -4.73 -4.90
C PRO A 186 19.66 -4.60 -4.74
N LYS A 187 20.10 -3.61 -3.97
CA LYS A 187 21.48 -3.57 -3.47
C LYS A 187 21.44 -4.36 -2.16
N THR A 188 22.31 -5.37 -2.03
CA THR A 188 22.25 -6.34 -0.91
C THR A 188 23.55 -6.39 -0.11
N HIS A 189 23.42 -6.56 1.21
CA HIS A 189 24.58 -6.74 2.09
C HIS A 189 24.09 -7.35 3.40
N VAL A 190 25.04 -7.96 4.11
CA VAL A 190 24.75 -8.58 5.39
C VAL A 190 25.47 -7.80 6.47
N THR A 191 24.77 -7.53 7.56
CA THR A 191 25.38 -6.89 8.71
C THR A 191 25.33 -7.84 9.91
N HIS A 192 26.23 -7.61 10.87
CA HIS A 192 26.41 -8.51 12.01
C HIS A 192 26.32 -7.64 13.26
N HIS A 193 25.49 -8.05 14.22
CA HIS A 193 25.20 -7.27 15.43
C HIS A 193 25.27 -8.20 16.64
N PRO A 194 26.43 -8.23 17.34
CA PRO A 194 26.54 -9.00 18.57
C PRO A 194 25.38 -8.74 19.53
N ILE A 195 24.81 -9.82 20.07
CA ILE A 195 23.78 -9.71 21.07
C ILE A 195 24.39 -9.95 22.46
N SER A 196 25.22 -10.98 22.54
CA SER A 196 25.81 -11.42 23.80
C SER A 196 27.08 -12.18 23.45
N ASP A 197 27.76 -12.73 24.45
CA ASP A 197 28.98 -13.46 24.18
C ASP A 197 28.71 -14.70 23.33
N HIS A 198 27.48 -15.17 23.30
CA HIS A 198 27.24 -16.40 22.59
C HIS A 198 26.34 -16.36 21.38
N GLU A 199 25.70 -15.22 21.12
CA GLU A 199 24.87 -15.07 19.91
C GLU A 199 25.09 -13.71 19.25
N ALA A 200 24.81 -13.66 17.94
CA ALA A 200 24.75 -12.39 17.23
C ALA A 200 23.63 -12.47 16.19
N THR A 201 23.16 -11.31 15.76
CA THR A 201 22.19 -11.20 14.66
C THR A 201 22.91 -11.01 13.34
N LEU A 202 22.48 -11.76 12.34
CA LEU A 202 22.91 -11.51 10.97
C LEU A 202 21.66 -10.94 10.27
N ARG A 203 21.79 -9.78 9.67
CA ARG A 203 20.64 -9.14 9.04
C ARG A 203 20.99 -8.98 7.57
N CYS A 204 20.15 -9.55 6.71
CA CYS A 204 20.37 -9.47 5.26
C CYS A 204 19.50 -8.32 4.74
N TRP A 205 20.12 -7.34 4.09
CA TRP A 205 19.43 -6.15 3.57
C TRP A 205 19.22 -6.19 2.05
N ALA A 206 18.05 -5.73 1.62
CA ALA A 206 17.80 -5.44 0.21
C ALA A 206 17.32 -4.00 0.14
N LEU A 207 18.00 -3.17 -0.64
CA LEU A 207 17.67 -1.74 -0.69
C LEU A 207 17.55 -1.28 -2.11
N GLY A 208 16.76 -0.23 -2.32
CA GLY A 208 16.71 0.46 -3.60
C GLY A 208 16.05 -0.30 -4.74
N PHE A 209 15.16 -1.25 -4.43
CA PHE A 209 14.60 -2.08 -5.50
C PHE A 209 13.20 -1.67 -5.94
N TYR A 210 12.85 -2.00 -7.20
CA TYR A 210 11.53 -1.74 -7.74
C TYR A 210 11.34 -2.83 -8.81
N PRO A 211 10.18 -3.51 -8.81
CA PRO A 211 8.98 -3.34 -7.97
C PRO A 211 9.16 -3.91 -6.58
N ALA A 212 8.10 -3.89 -5.79
CA ALA A 212 8.18 -4.23 -4.36
C ALA A 212 8.38 -5.74 -4.11
N GLU A 213 7.87 -6.56 -5.03
CA GLU A 213 7.90 -8.02 -4.88
C GLU A 213 9.34 -8.50 -4.77
N ILE A 214 9.64 -9.24 -3.71
CA ILE A 214 11.00 -9.76 -3.50
C ILE A 214 10.92 -10.95 -2.52
N THR A 215 11.92 -11.82 -2.55
CA THR A 215 11.98 -12.92 -1.61
C THR A 215 13.36 -12.88 -0.98
N LEU A 216 13.39 -12.79 0.35
CA LEU A 216 14.62 -12.82 1.14
C LEU A 216 14.49 -13.96 2.12
N THR A 217 15.45 -14.88 2.13
CA THR A 217 15.36 -16.03 3.03
C THR A 217 16.75 -16.34 3.55
N TRP A 218 16.82 -16.84 4.81
CA TRP A 218 18.06 -17.36 5.38
C TRP A 218 18.04 -18.90 5.34
N GLN A 219 19.18 -19.47 4.99
CA GLN A 219 19.40 -20.92 5.15
C GLN A 219 20.52 -21.18 6.13
N ARG A 220 20.42 -22.27 6.88
CA ARG A 220 21.51 -22.72 7.77
C ARG A 220 21.82 -24.13 7.28
N ASP A 221 23.08 -24.39 6.92
CA ASP A 221 23.52 -25.65 6.28
C ASP A 221 22.59 -26.02 5.14
N GLY A 222 22.10 -25.00 4.42
CA GLY A 222 21.28 -25.17 3.22
C GLY A 222 19.83 -25.49 3.50
N GLU A 223 19.43 -25.43 4.77
CA GLU A 223 18.03 -25.60 5.12
C GLU A 223 17.36 -24.25 5.46
N ASP A 224 16.25 -23.95 4.80
CA ASP A 224 15.46 -22.73 5.11
C ASP A 224 15.15 -22.56 6.59
N GLN A 225 15.38 -21.34 7.09
CA GLN A 225 15.16 -21.00 8.50
C GLN A 225 13.83 -20.26 8.71
N THR A 226 12.77 -20.74 8.09
CA THR A 226 11.51 -19.99 8.05
C THR A 226 11.02 -19.56 9.43
N GLN A 227 10.94 -20.52 10.36
CA GLN A 227 10.45 -20.25 11.71
C GLN A 227 11.40 -19.43 12.58
N ASP A 228 12.66 -19.37 12.20
CA ASP A 228 13.65 -18.64 12.99
C ASP A 228 14.11 -17.32 12.36
N THR A 229 13.45 -16.91 11.29
CA THR A 229 13.80 -15.67 10.59
C THR A 229 12.83 -14.54 10.94
N GLU A 230 13.36 -13.40 11.37
CA GLU A 230 12.55 -12.20 11.50
C GLU A 230 12.57 -11.43 10.17
N LEU A 231 11.40 -11.29 9.56
CA LEU A 231 11.29 -10.71 8.23
C LEU A 231 10.39 -9.46 8.30
N VAL A 232 10.94 -8.26 8.10
CA VAL A 232 10.08 -7.05 8.21
C VAL A 232 9.26 -6.91 6.94
N GLU A 233 8.13 -6.21 7.05
CA GLU A 233 7.32 -5.90 5.88
C GLU A 233 8.14 -5.01 4.93
N THR A 234 7.98 -5.27 3.63
CA THR A 234 8.58 -4.44 2.59
C THR A 234 8.07 -3.00 2.75
N ARG A 235 9.00 -2.05 2.74
CA ARG A 235 8.67 -0.67 3.08
C ARG A 235 9.14 0.30 1.99
N PRO A 236 8.37 1.38 1.75
CA PRO A 236 8.77 2.36 0.73
C PRO A 236 9.90 3.28 1.23
N ALA A 237 10.89 3.52 0.38
CA ALA A 237 11.97 4.45 0.69
C ALA A 237 11.55 5.92 0.49
N GLY A 238 10.58 6.16 -0.38
CA GLY A 238 10.15 7.53 -0.68
C GLY A 238 10.63 8.07 -2.03
N ASP A 239 11.48 7.31 -2.71
CA ASP A 239 12.07 7.66 -4.04
C ASP A 239 11.60 6.70 -5.14
N ARG A 240 10.46 6.06 -4.88
CA ARG A 240 9.80 4.97 -5.66
C ARG A 240 10.25 3.57 -5.31
N THR A 241 11.46 3.47 -4.76
CA THR A 241 11.97 2.15 -4.42
C THR A 241 11.53 1.62 -3.05
N PHE A 242 11.85 0.34 -2.80
CA PHE A 242 11.47 -0.33 -1.58
C PHE A 242 12.69 -0.87 -0.86
N GLN A 243 12.48 -1.20 0.43
CA GLN A 243 13.50 -1.81 1.30
C GLN A 243 12.93 -3.02 2.05
N LYS A 244 13.81 -3.95 2.45
CA LYS A 244 13.38 -5.10 3.24
C LYS A 244 14.62 -5.70 3.90
N TRP A 245 14.44 -6.29 5.07
CA TRP A 245 15.50 -7.11 5.64
C TRP A 245 14.95 -8.37 6.29
N ALA A 246 15.85 -9.35 6.45
CA ALA A 246 15.52 -10.60 7.13
C ALA A 246 16.66 -10.84 8.10
N ALA A 247 16.32 -11.22 9.32
CA ALA A 247 17.33 -11.39 10.34
C ALA A 247 17.21 -12.74 11.06
N VAL A 248 18.36 -13.25 11.48
CA VAL A 248 18.49 -14.57 12.08
C VAL A 248 19.48 -14.41 13.26
N VAL A 249 19.21 -15.10 14.36
CA VAL A 249 20.08 -15.10 15.56
C VAL A 249 20.93 -16.36 15.52
N VAL A 250 22.25 -16.17 15.50
CA VAL A 250 23.18 -17.24 15.23
C VAL A 250 24.15 -17.43 16.40
N PRO A 251 24.45 -18.69 16.76
CA PRO A 251 25.49 -18.94 17.77
C PRO A 251 26.84 -18.38 17.30
N SER A 252 27.56 -17.76 18.23
CA SER A 252 28.88 -17.23 17.92
C SER A 252 29.74 -18.29 17.29
N GLY A 253 30.47 -17.90 16.25
CA GLY A 253 31.31 -18.81 15.51
C GLY A 253 30.64 -19.60 14.39
N GLU A 254 29.31 -19.58 14.33
CA GLU A 254 28.55 -20.37 13.31
C GLU A 254 28.11 -19.55 12.07
N GLU A 255 28.60 -18.32 11.95
CA GLU A 255 28.09 -17.41 10.93
C GLU A 255 28.22 -17.95 9.51
N GLN A 256 29.29 -18.71 9.24
CA GLN A 256 29.54 -19.14 7.86
C GLN A 256 28.63 -20.27 7.42
N ARG A 257 27.84 -20.81 8.35
CA ARG A 257 26.89 -21.85 8.01
C ARG A 257 25.61 -21.22 7.45
N TYR A 258 25.52 -19.90 7.52
CA TYR A 258 24.28 -19.20 7.17
C TYR A 258 24.45 -18.47 5.86
N THR A 259 23.46 -18.61 4.97
CA THR A 259 23.49 -17.89 3.71
C THR A 259 22.13 -17.22 3.49
N CYS A 260 22.19 -15.99 2.98
CA CYS A 260 21.00 -15.22 2.59
C CYS A 260 20.74 -15.36 1.07
N HIS A 261 19.49 -15.55 0.70
CA HIS A 261 19.12 -15.81 -0.68
C HIS A 261 18.11 -14.74 -1.09
N VAL A 262 18.40 -14.08 -2.22
CA VAL A 262 17.57 -12.97 -2.70
C VAL A 262 17.07 -13.31 -4.11
N GLN A 263 15.75 -13.22 -4.30
CA GLN A 263 15.15 -13.23 -5.65
C GLN A 263 14.35 -11.95 -5.88
N HIS A 264 14.55 -11.37 -7.06
CA HIS A 264 13.81 -10.16 -7.46
C HIS A 264 13.83 -10.16 -8.97
N GLU A 265 12.76 -9.64 -9.55
CA GLU A 265 12.64 -9.54 -11.02
C GLU A 265 13.82 -8.85 -11.70
N GLY A 266 14.43 -7.89 -11.03
CA GLY A 266 15.57 -7.15 -11.59
C GLY A 266 16.89 -7.91 -11.60
N LEU A 267 16.89 -9.11 -11.03
CA LEU A 267 18.10 -9.95 -10.97
C LEU A 267 18.04 -11.07 -12.01
N PRO A 268 19.10 -11.20 -12.80
CA PRO A 268 19.25 -12.31 -13.78
C PRO A 268 19.08 -13.69 -13.13
N LYS A 269 19.72 -13.86 -11.98
CA LYS A 269 19.69 -15.11 -11.23
C LYS A 269 19.60 -14.80 -9.74
N PRO A 270 19.04 -15.69 -8.92
CA PRO A 270 19.02 -15.33 -7.49
C PRO A 270 20.42 -15.17 -6.90
N LEU A 271 20.54 -14.30 -5.91
CA LEU A 271 21.79 -14.04 -5.25
C LEU A 271 21.87 -14.80 -3.93
N THR A 272 23.08 -15.23 -3.60
CA THR A 272 23.39 -15.84 -2.32
C THR A 272 24.46 -14.97 -1.70
N LEU A 273 24.24 -14.53 -0.45
CA LEU A 273 25.21 -13.71 0.29
C LEU A 273 25.59 -14.37 1.62
N ARG A 274 26.78 -14.04 2.11
CA ARG A 274 27.25 -14.44 3.44
C ARG A 274 27.71 -13.21 4.17
N TRP A 275 27.79 -13.29 5.50
CA TRP A 275 28.46 -12.23 6.23
C TRP A 275 29.93 -12.25 5.85
N GLU A 276 30.48 -11.06 5.60
CA GLU A 276 31.87 -10.90 5.17
C GLU A 276 32.59 -10.02 6.19
N PRO A 277 33.22 -10.63 7.22
CA PRO A 277 33.71 -9.91 8.41
C PRO A 277 34.58 -8.69 8.11
N ILE B 2 -12.64 -6.30 14.68
CA ILE B 2 -13.07 -5.21 13.74
C ILE B 2 -12.02 -4.09 13.59
N GLN B 3 -11.10 -3.99 14.56
CA GLN B 3 -10.03 -3.00 14.49
C GLN B 3 -8.67 -3.65 14.44
N ARG B 4 -7.76 -3.03 13.70
CA ARG B 4 -6.45 -3.61 13.50
C ARG B 4 -5.42 -2.56 13.86
N THR B 5 -4.46 -2.94 14.70
CA THR B 5 -3.52 -1.97 15.23
C THR B 5 -2.35 -1.72 14.24
N PRO B 6 -1.84 -0.47 14.17
CA PRO B 6 -0.78 -0.20 13.21
C PRO B 6 0.54 -0.90 13.50
N LYS B 7 1.13 -1.49 12.46
CA LYS B 7 2.56 -1.79 12.46
C LYS B 7 3.32 -0.49 12.17
N ILE B 8 4.51 -0.36 12.73
CA ILE B 8 5.28 0.90 12.66
C ILE B 8 6.73 0.56 12.37
N GLN B 9 7.28 1.12 11.29
CA GLN B 9 8.73 1.11 11.04
C GLN B 9 9.24 2.54 10.88
N VAL B 10 10.35 2.82 11.55
CA VAL B 10 11.04 4.11 11.46
C VAL B 10 12.45 3.85 10.90
N TYR B 11 12.84 4.58 9.86
CA TYR B 11 14.04 4.28 9.10
C TYR B 11 14.34 5.45 8.17
N SER B 12 15.51 5.41 7.51
CA SER B 12 15.85 6.48 6.61
C SER B 12 15.82 5.99 5.17
N ARG B 13 15.68 6.93 4.24
CA ARG B 13 15.63 6.60 2.83
C ARG B 13 16.95 6.02 2.39
N HIS B 14 18.05 6.65 2.82
CA HIS B 14 19.42 6.20 2.49
C HIS B 14 20.14 5.74 3.75
N PRO B 15 21.18 4.88 3.62
CA PRO B 15 21.89 4.54 4.86
C PRO B 15 22.38 5.81 5.56
N ALA B 16 22.28 5.87 6.88
CA ALA B 16 22.56 7.15 7.55
C ALA B 16 24.06 7.42 7.62
N GLU B 17 24.42 8.67 7.41
CA GLU B 17 25.80 9.12 7.56
C GLU B 17 25.71 10.47 8.23
N ASN B 18 26.24 10.57 9.46
CA ASN B 18 26.20 11.84 10.22
C ASN B 18 26.66 13.01 9.38
N GLY B 19 25.95 14.12 9.48
CA GLY B 19 26.26 15.31 8.71
C GLY B 19 25.77 15.37 7.28
N LYS B 20 25.23 14.25 6.76
CA LYS B 20 24.70 14.23 5.41
C LYS B 20 23.17 14.19 5.40
N SER B 21 22.57 15.04 4.58
CA SER B 21 21.12 15.20 4.48
C SER B 21 20.49 13.89 3.98
N ASN B 22 19.28 13.58 4.45
CA ASN B 22 18.66 12.28 4.24
C ASN B 22 17.13 12.50 4.36
N PHE B 23 16.37 11.42 4.38
CA PHE B 23 14.94 11.51 4.70
C PHE B 23 14.63 10.55 5.81
N LEU B 24 13.85 11.04 6.77
CA LEU B 24 13.39 10.22 7.90
C LEU B 24 11.98 9.78 7.61
N ASN B 25 11.74 8.46 7.68
CA ASN B 25 10.47 7.84 7.28
C ASN B 25 9.83 7.14 8.45
N CYS B 26 8.52 7.29 8.56
CA CYS B 26 7.75 6.47 9.46
C CYS B 26 6.64 5.83 8.64
N TYR B 27 6.69 4.51 8.53
CA TYR B 27 5.75 3.75 7.71
C TYR B 27 4.79 3.08 8.66
N VAL B 28 3.52 3.47 8.58
CA VAL B 28 2.47 2.81 9.35
C VAL B 28 1.60 1.96 8.45
N SER B 29 1.31 0.74 8.85
CA SER B 29 0.61 -0.18 7.96
C SER B 29 -0.20 -1.22 8.73
N GLY B 30 -1.03 -1.98 8.01
CA GLY B 30 -1.85 -3.02 8.62
C GLY B 30 -2.92 -2.57 9.60
N PHE B 31 -3.29 -1.30 9.54
CA PHE B 31 -4.26 -0.75 10.51
C PHE B 31 -5.66 -0.57 9.91
N HIS B 32 -6.66 -0.58 10.79
CA HIS B 32 -8.06 -0.33 10.44
C HIS B 32 -8.78 0.08 11.75
N PRO B 33 -9.56 1.17 11.75
CA PRO B 33 -9.87 2.07 10.65
C PRO B 33 -8.73 3.01 10.23
N SER B 34 -9.02 3.85 9.24
CA SER B 34 -7.96 4.63 8.57
C SER B 34 -7.50 5.87 9.34
N ASP B 35 -8.33 6.35 10.27
CA ASP B 35 -8.00 7.55 11.01
C ASP B 35 -6.78 7.27 11.88
N ILE B 36 -5.74 8.08 11.74
CA ILE B 36 -4.51 7.85 12.49
C ILE B 36 -3.75 9.18 12.64
N GLU B 37 -3.03 9.33 13.75
CA GLU B 37 -2.17 10.52 13.90
C GLU B 37 -0.72 10.06 14.08
N VAL B 38 0.17 10.68 13.33
CA VAL B 38 1.59 10.31 13.27
C VAL B 38 2.42 11.59 13.39
N ASP B 39 3.35 11.59 14.34
CA ASP B 39 4.27 12.70 14.48
C ASP B 39 5.67 12.10 14.36
N LEU B 40 6.56 12.84 13.73
CA LEU B 40 7.98 12.54 13.81
C LEU B 40 8.57 13.47 14.84
N LEU B 41 9.45 12.93 15.68
CA LEU B 41 10.05 13.66 16.82
C LEU B 41 11.55 13.80 16.65
N LYS B 42 12.09 14.99 16.96
CA LYS B 42 13.54 15.21 17.10
C LYS B 42 13.80 15.61 18.54
N ASN B 43 14.59 14.80 19.26
CA ASN B 43 14.85 15.00 20.69
C ASN B 43 13.55 15.27 21.47
N GLY B 44 12.54 14.43 21.21
CA GLY B 44 11.26 14.48 21.89
C GLY B 44 10.26 15.53 21.43
N GLU B 45 10.68 16.45 20.59
CA GLU B 45 9.80 17.50 20.06
C GLU B 45 9.28 17.22 18.68
N ARG B 46 8.04 17.59 18.44
CA ARG B 46 7.39 17.45 17.13
C ARG B 46 8.10 18.22 16.01
N ILE B 47 8.43 17.52 14.92
CA ILE B 47 8.98 18.16 13.73
C ILE B 47 7.82 18.77 12.94
N GLU B 48 7.96 20.05 12.58
CA GLU B 48 6.84 20.78 11.98
C GLU B 48 6.60 20.37 10.54
N LYS B 49 7.66 20.21 9.78
CA LYS B 49 7.41 20.02 8.38
C LYS B 49 7.47 18.55 8.02
N VAL B 50 6.29 17.92 8.04
CA VAL B 50 6.18 16.48 7.76
C VAL B 50 5.07 16.27 6.74
N GLU B 51 5.37 15.50 5.69
CA GLU B 51 4.40 15.20 4.65
C GLU B 51 4.04 13.72 4.73
N HIS B 52 2.97 13.32 4.05
CA HIS B 52 2.60 11.91 4.01
C HIS B 52 2.00 11.55 2.65
N SER B 53 2.02 10.25 2.36
CA SER B 53 1.46 9.67 1.16
C SER B 53 -0.09 9.75 1.21
N ASP B 54 -0.72 9.52 0.06
CA ASP B 54 -2.17 9.49 -0.06
C ASP B 54 -2.64 8.14 0.46
N LEU B 55 -3.74 8.16 1.20
CA LEU B 55 -4.31 6.94 1.78
C LEU B 55 -4.61 5.83 0.79
N SER B 56 -4.04 4.65 1.04
CA SER B 56 -4.28 3.48 0.20
C SER B 56 -4.30 2.27 1.12
N PHE B 57 -4.52 1.11 0.54
CA PHE B 57 -4.69 -0.07 1.37
C PHE B 57 -4.20 -1.32 0.66
N SER B 58 -3.93 -2.35 1.46
CA SER B 58 -3.39 -3.61 0.99
C SER B 58 -4.50 -4.59 0.58
N LYS B 59 -4.09 -5.74 0.06
CA LYS B 59 -5.04 -6.81 -0.33
C LYS B 59 -5.97 -7.23 0.80
N ASP B 60 -5.50 -7.16 2.05
CA ASP B 60 -6.39 -7.52 3.16
C ASP B 60 -7.25 -6.35 3.67
N TRP B 61 -7.29 -5.25 2.93
CA TRP B 61 -8.04 -4.01 3.24
C TRP B 61 -7.43 -3.12 4.30
N SER B 62 -6.32 -3.54 4.91
CA SER B 62 -5.70 -2.73 5.92
C SER B 62 -4.99 -1.55 5.25
N PHE B 63 -4.90 -0.43 5.97
CA PHE B 63 -4.40 0.82 5.39
C PHE B 63 -2.90 0.96 5.58
N TYR B 64 -2.26 1.79 4.76
CA TYR B 64 -0.85 2.14 4.97
C TYR B 64 -0.59 3.58 4.53
N LEU B 65 0.38 4.18 5.19
CA LEU B 65 0.76 5.57 5.00
C LEU B 65 2.26 5.68 5.29
N LEU B 66 2.96 6.45 4.47
CA LEU B 66 4.33 6.88 4.73
C LEU B 66 4.34 8.35 5.14
N TYR B 67 4.92 8.64 6.32
CA TYR B 67 5.16 9.99 6.81
C TYR B 67 6.65 10.22 6.69
N TYR B 68 7.05 11.40 6.24
CA TYR B 68 8.47 11.66 5.94
C TYR B 68 8.86 13.12 6.07
N THR B 69 10.15 13.32 6.30
CA THR B 69 10.71 14.66 6.43
C THR B 69 12.20 14.59 6.10
N GLU B 70 12.77 15.65 5.51
CA GLU B 70 14.22 15.75 5.36
C GLU B 70 14.85 15.91 6.74
N PHE B 71 16.01 15.29 6.92
CA PHE B 71 16.76 15.47 8.16
C PHE B 71 18.24 15.20 7.89
N THR B 72 19.09 15.69 8.79
CA THR B 72 20.53 15.44 8.72
C THR B 72 20.87 14.79 10.05
N PRO B 73 21.09 13.46 10.03
CA PRO B 73 21.34 12.77 11.28
C PRO B 73 22.72 13.14 11.82
N THR B 74 22.84 13.07 13.14
CA THR B 74 24.11 13.29 13.82
C THR B 74 24.31 12.16 14.81
N GLU B 75 25.44 12.19 15.51
CA GLU B 75 25.73 11.18 16.52
C GLU B 75 24.71 11.15 17.65
N LYS B 76 24.28 12.33 18.10
CA LYS B 76 23.55 12.48 19.37
C LYS B 76 22.06 12.83 19.22
N ASP B 77 21.66 13.46 18.11
CA ASP B 77 20.23 13.70 17.87
C ASP B 77 19.46 12.40 17.81
N GLU B 78 18.37 12.35 18.57
CA GLU B 78 17.50 11.19 18.68
C GLU B 78 16.23 11.44 17.87
N TYR B 79 15.84 10.45 17.08
CA TYR B 79 14.63 10.57 16.27
C TYR B 79 13.66 9.45 16.60
N ALA B 80 12.38 9.73 16.40
CA ALA B 80 11.33 8.80 16.75
C ALA B 80 10.05 9.13 15.99
N CYS B 81 9.14 8.17 15.98
CA CYS B 81 7.82 8.34 15.38
C CYS B 81 6.81 8.03 16.47
N ARG B 82 5.84 8.93 16.65
CA ARG B 82 4.83 8.74 17.69
C ARG B 82 3.47 8.54 17.04
N VAL B 83 2.83 7.42 17.32
CA VAL B 83 1.57 7.07 16.64
C VAL B 83 0.41 6.95 17.61
N ASN B 84 -0.72 7.57 17.27
CA ASN B 84 -1.97 7.26 17.97
C ASN B 84 -3.03 6.75 16.98
N HIS B 85 -3.88 5.87 17.48
CA HIS B 85 -4.90 5.18 16.70
C HIS B 85 -5.92 4.66 17.72
N VAL B 86 -7.19 4.49 17.31
CA VAL B 86 -8.23 3.97 18.24
C VAL B 86 -7.83 2.68 19.00
N THR B 87 -6.99 1.85 18.40
CA THR B 87 -6.61 0.58 19.01
C THR B 87 -5.61 0.74 20.16
N LEU B 88 -5.07 1.95 20.34
CA LEU B 88 -3.99 2.18 21.33
C LEU B 88 -4.51 3.00 22.51
N SER B 89 -4.19 2.58 23.72
CA SER B 89 -4.64 3.33 24.91
C SER B 89 -3.85 4.61 25.12
N GLN B 90 -2.58 4.61 24.68
CA GLN B 90 -1.73 5.80 24.74
C GLN B 90 -0.86 5.81 23.47
N PRO B 91 -0.30 6.99 23.08
CA PRO B 91 0.52 7.01 21.86
C PRO B 91 1.67 6.03 21.92
N LYS B 92 1.98 5.41 20.79
CA LYS B 92 3.10 4.49 20.72
C LYS B 92 4.31 5.22 20.13
N ILE B 93 5.46 5.10 20.80
CA ILE B 93 6.68 5.76 20.34
C ILE B 93 7.68 4.70 19.87
N VAL B 94 8.16 4.86 18.64
CA VAL B 94 9.15 3.97 18.11
C VAL B 94 10.36 4.82 17.77
N LYS B 95 11.51 4.46 18.36
CA LYS B 95 12.70 5.26 18.18
C LYS B 95 13.39 4.82 16.92
N TRP B 96 13.98 5.77 16.21
CA TRP B 96 14.77 5.43 15.05
C TRP B 96 16.07 4.77 15.46
N ASP B 97 16.32 3.60 14.88
CA ASP B 97 17.58 2.89 15.08
C ASP B 97 18.17 2.72 13.70
N ARG B 98 19.31 3.36 13.47
CA ARG B 98 19.92 3.38 12.14
C ARG B 98 20.28 2.01 11.56
N ASP B 99 20.27 0.97 12.40
CA ASP B 99 20.58 -0.41 11.96
C ASP B 99 19.35 -1.25 11.69
N MET B 100 18.18 -0.61 11.62
CA MET B 100 16.94 -1.35 11.42
C MET B 100 16.02 -0.78 10.34
N ILE C 1 -8.61 5.28 -17.76
CA ILE C 1 -9.77 6.00 -17.21
C ILE C 1 -10.40 5.12 -16.16
N ARG C 2 -11.04 5.75 -15.18
CA ARG C 2 -11.77 5.05 -14.13
C ARG C 2 -13.05 4.36 -14.65
N ALA C 3 -13.48 3.33 -13.94
CA ALA C 3 -14.80 2.78 -14.14
C ALA C 3 -15.87 3.72 -13.60
N ALA C 4 -17.06 3.60 -14.16
CA ALA C 4 -18.24 4.26 -13.63
C ALA C 4 -18.51 3.80 -12.20
N PRO C 5 -19.11 4.68 -11.37
CA PRO C 5 -19.56 4.26 -10.04
C PRO C 5 -20.56 3.10 -10.11
N PRO C 6 -20.58 2.22 -9.09
CA PRO C 6 -21.48 1.10 -9.12
C PRO C 6 -22.89 1.59 -8.84
N PRO C 7 -23.91 0.71 -8.95
CA PRO C 7 -25.20 1.19 -8.50
C PRO C 7 -25.20 1.30 -6.98
N LEU C 8 -26.26 1.85 -6.41
CA LEU C 8 -26.34 1.98 -4.95
C LEU C 8 -26.37 0.58 -4.35
N PHE C 9 -25.78 0.45 -3.17
CA PHE C 9 -25.78 -0.83 -2.46
C PHE C 9 -27.16 -1.23 -2.03
C1 GOL D . -8.08 4.13 -24.83
O1 GOL D . -8.40 2.91 -25.47
C2 GOL D . -6.88 4.80 -25.48
O2 GOL D . -5.67 4.24 -24.99
C3 GOL D . -6.94 6.30 -25.15
O3 GOL D . -5.74 6.96 -25.46
C1 GOL E . 0.57 -0.83 -5.47
O1 GOL E . 1.61 -1.41 -4.74
C2 GOL E . -0.75 -1.30 -4.91
O2 GOL E . -0.78 -1.26 -3.48
C3 GOL E . -0.78 -2.74 -5.45
O3 GOL E . -1.63 -2.74 -6.58
C1 GOL F . -15.52 -1.89 13.33
O1 GOL F . -16.09 -1.83 14.62
C2 GOL F . -15.47 -0.53 12.67
O2 GOL F . -14.34 0.18 13.19
C3 GOL F . -16.78 0.21 12.92
O3 GOL F . -17.84 -0.73 13.09
C1 GOL G . 19.98 5.94 15.85
O1 GOL G . 20.61 4.67 15.85
C2 GOL G . 20.99 7.10 15.83
O2 GOL G . 22.22 6.74 16.38
C3 GOL G . 20.43 8.33 16.56
O3 GOL G . 20.42 8.12 17.95
#